data_3U8E
#
_entry.id   3U8E
#
_cell.length_a   97.970
_cell.length_b   97.970
_cell.length_c   48.780
_cell.angle_alpha   90.00
_cell.angle_beta   90.00
_cell.angle_gamma   120.00
#
_symmetry.space_group_name_H-M   'H 3'
#
loop_
_entity.id
_entity.type
_entity.pdbx_description
1 polymer 'Papain-like Cysteine Protease'
2 non-polymer 'SODIUM ION'
3 non-polymer 'SULFATE ION'
4 non-polymer GLYCEROL
5 water water
#
_entity_poly.entity_id   1
_entity_poly.type   'polypeptide(L)'
_entity_poly.pdbx_seq_one_letter_code
;APASIDWRKKGAVTSVKDQGACGMCWAFGATGAIEGIDAITTGRLISVSEQQIVDCDT(UNK)(UNK)(UNK)(UNK)
(UNK)(UNK)GGDADDAFRWVITNGGIASDANYPYTGVDGTCDLNKPIAARIDGYTNVPNSSSALLDAVAKQPVSVNIYT
SSTSFQLYTGPGIFAGSSCSDDPATVDHTVLIVGYGSNGTNADYWIVKNSWGTEWGIDGYILIRRNTNRPDGVCAIDAWG
SYPTKSTS
;
_entity_poly.pdbx_strand_id   A
#
# COMPACT_ATOMS: atom_id res chain seq x y z
N ALA A 1 -17.01 -11.57 -4.83
CA ALA A 1 -15.58 -11.74 -4.60
C ALA A 1 -15.38 -13.11 -3.87
N PRO A 2 -14.17 -13.65 -3.92
CA PRO A 2 -13.87 -14.89 -3.15
C PRO A 2 -13.89 -14.68 -1.67
N ALA A 3 -13.96 -15.77 -0.92
CA ALA A 3 -13.91 -15.70 0.54
C ALA A 3 -12.54 -15.31 1.09
N SER A 4 -11.48 -15.54 0.33
CA SER A 4 -10.20 -15.06 0.74
C SER A 4 -9.31 -14.87 -0.49
N ILE A 5 -8.27 -14.08 -0.30
CA ILE A 5 -7.22 -13.92 -1.32
C ILE A 5 -5.94 -13.49 -0.60
N ASP A 6 -4.81 -13.91 -1.17
CA ASP A 6 -3.52 -13.44 -0.65
C ASP A 6 -2.61 -13.22 -1.84
N TRP A 7 -2.43 -11.94 -2.24
CA TRP A 7 -1.63 -11.67 -3.45
C TRP A 7 -0.17 -12.06 -3.29
N ARG A 8 0.31 -12.29 -2.05
CA ARG A 8 1.69 -12.73 -1.88
C ARG A 8 1.87 -14.12 -2.47
N LYS A 9 0.84 -14.96 -2.40
CA LYS A 9 0.86 -16.34 -2.92
C LYS A 9 0.62 -16.36 -4.43
N LYS A 10 0.26 -15.23 -4.97
CA LYS A 10 -0.04 -15.12 -6.41
C LYS A 10 0.97 -14.36 -7.20
N GLY A 11 2.13 -14.12 -6.62
CA GLY A 11 3.29 -13.55 -7.33
C GLY A 11 3.17 -12.07 -7.59
N ALA A 12 2.41 -11.32 -6.77
CA ALA A 12 2.19 -9.88 -7.05
C ALA A 12 2.73 -8.97 -5.96
N VAL A 13 3.52 -9.44 -4.99
CA VAL A 13 3.97 -8.63 -3.88
C VAL A 13 5.48 -8.80 -3.75
N THR A 14 6.20 -7.68 -3.72
CA THR A 14 7.66 -7.68 -3.53
C THR A 14 8.02 -7.76 -2.04
N SER A 15 9.32 -7.87 -1.76
CA SER A 15 9.79 -7.89 -0.40
C SER A 15 9.30 -6.67 0.44
N VAL A 16 9.21 -6.86 1.76
CA VAL A 16 8.93 -5.79 2.63
C VAL A 16 10.13 -4.81 2.70
N LYS A 17 9.88 -3.51 2.56
CA LYS A 17 10.91 -2.46 2.61
C LYS A 17 10.93 -1.85 4.01
N ASP A 18 12.05 -1.18 4.34
CA ASP A 18 12.23 -0.54 5.61
C ASP A 18 12.56 0.91 5.39
N GLN A 19 11.60 1.77 5.68
CA GLN A 19 11.84 3.20 5.47
C GLN A 19 12.72 3.86 6.48
N GLY A 20 12.95 3.25 7.61
CA GLY A 20 13.73 3.88 8.62
C GLY A 20 13.05 5.11 9.20
N ALA A 21 13.82 6.02 9.71
CA ALA A 21 13.34 7.29 10.25
C ALA A 21 13.56 8.31 9.12
N CYS A 22 12.66 8.37 8.20
CA CYS A 22 12.92 9.09 6.99
C CYS A 22 12.67 10.58 7.14
N GLY A 23 13.41 11.36 6.35
CA GLY A 23 13.06 12.75 6.17
C GLY A 23 11.84 12.88 5.25
N MET A 24 11.70 12.02 4.20
CA MET A 24 10.60 12.17 3.24
C MET A 24 10.51 10.86 2.54
N CYS A 25 9.41 10.16 2.79
CA CYS A 25 9.29 8.80 2.26
C CYS A 25 7.81 8.42 2.14
N TRP A 26 7.00 9.34 1.67
CA TRP A 26 5.54 9.20 1.73
C TRP A 26 4.92 8.27 0.70
N ALA A 27 5.70 7.80 -0.28
CA ALA A 27 5.15 7.05 -1.40
C ALA A 27 5.12 5.55 -1.24
N PHE A 28 5.62 4.98 -0.10
CA PHE A 28 5.46 3.53 0.10
C PHE A 28 3.95 3.38 0.30
N GLY A 29 3.51 2.24 -0.03
CA GLY A 29 2.05 1.98 -0.04
C GLY A 29 1.53 2.16 -1.47
N ALA A 30 1.86 3.26 -2.10
CA ALA A 30 1.55 3.44 -3.49
C ALA A 30 2.48 2.61 -4.36
N THR A 31 3.73 2.56 -3.99
CA THR A 31 4.70 1.83 -4.77
C THR A 31 4.29 0.33 -4.86
N GLY A 32 3.89 -0.27 -3.74
CA GLY A 32 3.50 -1.68 -3.83
C GLY A 32 2.24 -1.88 -4.68
N ALA A 33 1.31 -0.90 -4.72
CA ALA A 33 0.14 -1.07 -5.58
C ALA A 33 0.57 -1.07 -7.07
N ILE A 34 1.56 -0.22 -7.47
CA ILE A 34 2.08 -0.22 -8.83
C ILE A 34 2.73 -1.57 -9.08
N GLU A 35 3.54 -2.04 -8.13
CA GLU A 35 4.20 -3.33 -8.32
C GLU A 35 3.18 -4.44 -8.56
N GLY A 36 2.05 -4.37 -7.85
CA GLY A 36 1.00 -5.40 -7.98
C GLY A 36 0.42 -5.38 -9.37
N ILE A 37 -0.02 -4.23 -9.89
CA ILE A 37 -0.63 -4.25 -11.20
C ILE A 37 0.39 -4.54 -12.29
N ASP A 38 1.65 -4.12 -12.10
CA ASP A 38 2.72 -4.41 -13.09
C ASP A 38 2.88 -5.99 -13.12
N ALA A 39 2.90 -6.67 -11.97
CA ALA A 39 3.10 -8.11 -11.96
C ALA A 39 1.92 -8.81 -12.63
N ILE A 40 0.71 -8.37 -12.28
CA ILE A 40 -0.46 -9.05 -12.82
C ILE A 40 -0.51 -8.92 -14.33
N THR A 41 -0.18 -7.74 -14.86
CA THR A 41 -0.40 -7.50 -16.29
C THR A 41 0.84 -7.82 -17.18
N THR A 42 2.07 -7.81 -16.62
CA THR A 42 3.25 -7.92 -17.48
C THR A 42 4.07 -9.19 -17.11
N GLY A 43 3.68 -9.92 -16.04
CA GLY A 43 4.44 -11.15 -15.68
C GLY A 43 5.76 -10.86 -14.98
N ARG A 44 5.92 -9.63 -14.48
CA ARG A 44 7.20 -9.18 -13.92
C ARG A 44 7.04 -8.66 -12.53
N LEU A 45 7.72 -9.25 -11.57
CA LEU A 45 7.58 -8.81 -10.17
C LEU A 45 8.86 -8.05 -9.78
N ILE A 46 8.78 -6.71 -9.74
CA ILE A 46 9.98 -5.86 -9.65
C ILE A 46 9.66 -4.72 -8.65
N SER A 47 10.56 -4.48 -7.68
CA SER A 47 10.35 -3.33 -6.81
C SER A 47 10.59 -2.03 -7.54
N VAL A 48 9.68 -1.07 -7.33
CA VAL A 48 9.83 0.20 -8.04
C VAL A 48 10.41 1.29 -7.09
N SER A 49 10.79 2.44 -7.67
CA SER A 49 11.55 3.43 -6.89
C SER A 49 10.64 4.32 -6.12
N GLU A 50 10.49 4.07 -4.84
CA GLU A 50 9.77 4.99 -3.95
C GLU A 50 10.54 6.33 -3.94
N GLN A 51 11.88 6.24 -4.02
CA GLN A 51 12.74 7.46 -3.92
C GLN A 51 12.52 8.40 -5.10
N GLN A 52 12.32 7.85 -6.28
CA GLN A 52 12.14 8.71 -7.49
C GLN A 52 10.87 9.52 -7.33
N ILE A 53 9.79 8.96 -6.79
CA ILE A 53 8.54 9.74 -6.59
C ILE A 53 8.81 10.89 -5.61
N VAL A 54 9.47 10.59 -4.50
CA VAL A 54 9.76 11.60 -3.48
C VAL A 54 10.64 12.70 -4.07
N ASP A 55 11.69 12.31 -4.84
CA ASP A 55 12.63 13.35 -5.29
C ASP A 55 11.97 14.26 -6.33
N CYS A 56 11.05 13.69 -7.13
CA CYS A 56 10.56 14.30 -8.39
C CYS A 56 9.17 14.92 -8.21
N ASP A 57 8.48 14.51 -7.14
CA ASP A 57 7.24 15.06 -6.67
C ASP A 57 7.12 15.61 -5.20
N THR A 58 8.16 16.21 -4.60
CA THR A 58 7.93 16.85 -3.30
C THR A 58 8.39 18.35 -3.28
N GLY A 65 4.86 16.05 1.64
CA GLY A 65 4.00 14.88 1.89
C GLY A 65 3.20 14.53 0.63
N GLY A 66 2.32 13.51 0.67
CA GLY A 66 1.40 13.25 -0.43
C GLY A 66 0.69 11.95 -0.09
N ASP A 67 -0.38 11.72 -0.83
CA ASP A 67 -1.10 10.44 -0.67
C ASP A 67 -0.83 9.51 -1.86
N ALA A 68 -1.48 8.35 -1.87
CA ALA A 68 -1.22 7.39 -2.92
C ALA A 68 -1.61 7.99 -4.26
N ASP A 69 -2.70 8.75 -4.36
CA ASP A 69 -3.06 9.28 -5.66
C ASP A 69 -2.09 10.29 -6.16
N ASP A 70 -1.41 11.00 -5.27
CA ASP A 70 -0.36 11.91 -5.76
C ASP A 70 0.77 11.09 -6.41
N ALA A 71 1.12 9.97 -5.83
CA ALA A 71 2.14 9.09 -6.39
C ALA A 71 1.65 8.57 -7.77
N PHE A 72 0.39 8.08 -7.83
CA PHE A 72 -0.11 7.51 -9.10
C PHE A 72 -0.07 8.63 -10.17
N ARG A 73 -0.54 9.83 -9.78
CA ARG A 73 -0.54 10.94 -10.74
C ARG A 73 0.88 11.25 -11.27
N TRP A 74 1.87 11.22 -10.35
CA TRP A 74 3.21 11.54 -10.83
C TRP A 74 3.70 10.45 -11.80
N VAL A 75 3.51 9.17 -11.44
CA VAL A 75 3.97 8.07 -12.34
C VAL A 75 3.28 8.14 -13.71
N ILE A 76 1.99 8.48 -13.74
CA ILE A 76 1.30 8.61 -15.01
C ILE A 76 1.91 9.79 -15.82
N THR A 77 2.10 10.93 -15.15
CA THR A 77 2.67 12.11 -15.80
C THR A 77 4.09 11.88 -16.32
N ASN A 78 4.90 11.08 -15.61
CA ASN A 78 6.26 10.86 -16.03
C ASN A 78 6.37 9.81 -17.13
N GLY A 79 5.28 9.08 -17.39
CA GLY A 79 5.29 7.98 -18.34
C GLY A 79 5.94 6.72 -17.76
N GLY A 80 6.12 6.68 -16.44
CA GLY A 80 6.56 5.43 -15.78
C GLY A 80 7.42 5.76 -14.59
N ILE A 81 7.92 4.71 -13.98
CA ILE A 81 8.75 4.79 -12.77
C ILE A 81 9.92 3.83 -12.90
N ALA A 82 11.09 4.25 -12.39
CA ALA A 82 12.28 3.47 -12.38
C ALA A 82 12.18 2.32 -11.34
N SER A 83 13.06 1.31 -11.46
CA SER A 83 13.14 0.28 -10.41
C SER A 83 13.84 0.81 -9.18
N ASP A 84 13.59 0.22 -8.04
CA ASP A 84 14.29 0.53 -6.81
C ASP A 84 15.77 0.21 -7.01
N ALA A 85 16.13 -0.84 -7.76
CA ALA A 85 17.55 -1.15 -7.97
C ALA A 85 18.26 -0.05 -8.70
N ASN A 86 17.62 0.55 -9.70
CA ASN A 86 18.27 1.61 -10.53
C ASN A 86 18.19 2.95 -9.86
N TYR A 87 17.32 3.13 -8.89
CA TYR A 87 17.10 4.44 -8.25
C TYR A 87 16.84 4.20 -6.79
N PRO A 88 17.92 3.98 -6.03
CA PRO A 88 17.72 3.45 -4.70
C PRO A 88 17.18 4.42 -3.63
N TYR A 89 16.72 3.85 -2.55
CA TYR A 89 16.10 4.56 -1.44
C TYR A 89 17.13 5.24 -0.55
N THR A 90 16.89 6.50 -0.26
CA THR A 90 17.72 7.14 0.78
C THR A 90 16.90 7.65 1.94
N GLY A 91 15.62 7.91 1.74
CA GLY A 91 14.77 8.40 2.82
C GLY A 91 14.82 9.91 2.94
N VAL A 92 15.64 10.57 2.10
CA VAL A 92 15.74 12.03 2.19
C VAL A 92 15.53 12.61 0.80
N ASP A 93 14.88 13.76 0.71
CA ASP A 93 14.60 14.29 -0.61
C ASP A 93 15.94 14.73 -1.21
N GLY A 94 16.17 14.27 -2.46
CA GLY A 94 17.38 14.64 -3.18
C GLY A 94 17.04 15.01 -4.60
N THR A 95 18.07 15.29 -5.38
CA THR A 95 17.90 15.66 -6.80
C THR A 95 17.08 14.65 -7.58
N CYS A 96 16.08 15.13 -8.26
CA CYS A 96 15.31 14.26 -9.16
C CYS A 96 16.08 13.85 -10.44
N ASP A 97 16.17 12.56 -10.65
CA ASP A 97 16.78 12.05 -11.87
C ASP A 97 15.67 11.48 -12.77
N LEU A 98 15.47 12.07 -13.96
CA LEU A 98 14.44 11.56 -14.90
C LEU A 98 15.04 10.68 -16.01
N ASN A 99 16.38 10.66 -16.13
CA ASN A 99 17.00 9.91 -17.20
C ASN A 99 17.38 8.52 -16.59
N LYS A 100 16.41 7.71 -16.17
CA LYS A 100 16.68 6.41 -15.57
CA LYS A 100 16.67 6.40 -15.57
C LYS A 100 15.76 5.46 -16.33
N PRO A 101 16.16 4.18 -16.45
CA PRO A 101 15.28 3.21 -17.15
C PRO A 101 13.91 3.16 -16.46
N ILE A 102 12.86 2.89 -17.25
CA ILE A 102 11.49 2.73 -16.76
CA ILE A 102 11.52 2.71 -16.68
C ILE A 102 11.25 1.22 -16.47
N ALA A 103 10.79 0.93 -15.25
CA ALA A 103 10.43 -0.46 -14.88
C ALA A 103 8.95 -0.74 -14.97
N ALA A 104 8.08 0.26 -14.75
CA ALA A 104 6.61 0.00 -14.74
C ALA A 104 5.96 1.25 -15.27
N ARG A 105 4.80 1.09 -15.94
CA ARG A 105 4.02 2.21 -16.42
C ARG A 105 2.56 1.93 -16.12
N ILE A 106 1.82 2.96 -15.70
CA ILE A 106 0.40 2.81 -15.46
C ILE A 106 -0.32 3.95 -16.23
N ASP A 107 -1.65 3.82 -16.34
CA ASP A 107 -2.46 4.68 -17.20
C ASP A 107 -3.52 5.44 -16.44
N GLY A 108 -3.89 5.00 -15.25
CA GLY A 108 -4.98 5.68 -14.56
C GLY A 108 -4.95 5.20 -13.12
N TYR A 109 -5.94 5.66 -12.36
CA TYR A 109 -6.15 5.15 -10.99
C TYR A 109 -7.60 5.26 -10.63
N THR A 110 -8.06 4.47 -9.66
CA THR A 110 -9.48 4.44 -9.26
C THR A 110 -9.59 4.57 -7.77
N ASN A 111 -10.49 5.44 -7.34
CA ASN A 111 -10.79 5.58 -5.91
C ASN A 111 -11.87 4.61 -5.49
N VAL A 112 -11.70 3.93 -4.37
CA VAL A 112 -12.69 3.04 -3.80
C VAL A 112 -13.57 3.87 -2.82
N PRO A 113 -14.94 3.74 -2.90
CA PRO A 113 -15.79 4.44 -1.93
C PRO A 113 -15.52 3.93 -0.53
N ASN A 114 -15.93 4.73 0.46
CA ASN A 114 -15.80 4.36 1.85
C ASN A 114 -16.87 3.33 2.21
N SER A 115 -16.60 2.06 1.80
CA SER A 115 -17.55 0.98 1.98
CA SER A 115 -17.53 0.96 2.01
C SER A 115 -16.71 -0.27 1.99
N SER A 116 -16.80 -1.06 3.06
CA SER A 116 -15.97 -2.25 3.18
C SER A 116 -16.18 -3.18 2.00
N SER A 117 -17.42 -3.33 1.53
CA SER A 117 -17.68 -4.25 0.44
C SER A 117 -16.98 -3.83 -0.83
N ALA A 118 -16.94 -2.54 -1.08
CA ALA A 118 -16.26 -2.04 -2.31
C ALA A 118 -14.72 -2.26 -2.16
N LEU A 119 -14.18 -2.08 -0.96
CA LEU A 119 -12.76 -2.34 -0.76
C LEU A 119 -12.44 -3.83 -0.94
N LEU A 120 -13.30 -4.71 -0.42
CA LEU A 120 -13.11 -6.16 -0.64
C LEU A 120 -13.09 -6.48 -2.13
N ASP A 121 -14.05 -5.93 -2.90
CA ASP A 121 -14.07 -6.18 -4.30
C ASP A 121 -12.79 -5.71 -5.00
N ALA A 122 -12.28 -4.55 -4.57
CA ALA A 122 -11.07 -4.01 -5.17
C ALA A 122 -9.88 -4.90 -4.84
N VAL A 123 -9.76 -5.37 -3.61
CA VAL A 123 -8.61 -6.23 -3.24
C VAL A 123 -8.74 -7.61 -3.91
N ALA A 124 -9.98 -8.08 -4.24
CA ALA A 124 -10.07 -9.30 -5.00
C ALA A 124 -9.47 -9.13 -6.41
N LYS A 125 -9.44 -7.89 -6.90
CA LYS A 125 -8.86 -7.60 -8.19
C LYS A 125 -7.35 -7.38 -8.18
N GLN A 126 -6.84 -6.75 -7.15
CA GLN A 126 -5.37 -6.40 -7.12
C GLN A 126 -5.05 -5.82 -5.77
N PRO A 127 -3.77 -5.69 -5.45
CA PRO A 127 -3.38 -4.95 -4.16
C PRO A 127 -3.90 -3.51 -4.19
N VAL A 128 -4.38 -3.00 -3.07
CA VAL A 128 -4.98 -1.69 -3.00
C VAL A 128 -4.29 -0.81 -1.98
N SER A 129 -3.92 0.42 -2.33
CA SER A 129 -3.39 1.34 -1.33
C SER A 129 -4.51 1.93 -0.47
N VAL A 130 -4.14 2.09 0.81
CA VAL A 130 -5.11 2.68 1.79
C VAL A 130 -4.35 3.60 2.71
N ASN A 131 -5.05 4.61 3.22
CA ASN A 131 -4.47 5.56 4.23
C ASN A 131 -5.04 5.24 5.60
N ILE A 132 -4.14 5.13 6.58
CA ILE A 132 -4.55 4.78 7.90
C ILE A 132 -3.94 5.69 8.93
N TYR A 133 -4.53 5.69 10.12
CA TYR A 133 -3.99 6.35 11.32
C TYR A 133 -2.97 5.38 11.95
N THR A 134 -1.79 5.87 12.30
CA THR A 134 -0.75 5.00 12.83
C THR A 134 -0.09 5.50 14.11
N SER A 135 -0.71 6.52 14.76
CA SER A 135 0.00 7.17 15.87
C SER A 135 -0.18 6.47 17.22
N SER A 136 -1.02 5.46 17.32
CA SER A 136 -1.17 4.77 18.64
C SER A 136 0.01 3.87 18.88
N THR A 137 0.46 3.88 20.10
CA THR A 137 1.59 3.05 20.45
C THR A 137 1.26 1.58 20.19
N SER A 138 0.00 1.18 20.38
CA SER A 138 -0.37 -0.22 20.11
C SER A 138 -0.12 -0.61 18.64
N PHE A 139 -0.43 0.28 17.69
CA PHE A 139 -0.05 0.02 16.30
C PHE A 139 1.46 -0.05 16.11
N GLN A 140 2.16 0.93 16.71
CA GLN A 140 3.60 0.95 16.55
C GLN A 140 4.22 -0.35 17.05
N LEU A 141 3.70 -0.90 18.17
CA LEU A 141 4.32 -2.05 18.84
C LEU A 141 3.69 -3.37 18.44
N TYR A 142 2.80 -3.37 17.46
CA TYR A 142 2.18 -4.64 17.01
C TYR A 142 3.26 -5.62 16.48
N THR A 143 3.23 -6.81 17.00
CA THR A 143 4.13 -7.88 16.54
C THR A 143 3.31 -9.16 16.27
N GLY A 144 1.99 -9.06 16.11
CA GLY A 144 1.22 -10.27 16.01
C GLY A 144 1.18 -10.93 17.42
N PRO A 145 0.91 -12.20 17.49
CA PRO A 145 0.90 -13.08 16.29
C PRO A 145 -0.52 -13.11 15.57
N GLY A 146 -1.53 -12.46 16.13
CA GLY A 146 -2.90 -12.55 15.67
C GLY A 146 -3.42 -11.26 15.09
N ILE A 147 -4.74 -11.21 14.99
CA ILE A 147 -5.41 -10.05 14.42
C ILE A 147 -5.29 -8.81 15.31
N PHE A 148 -5.02 -7.68 14.70
CA PHE A 148 -4.97 -6.36 15.41
C PHE A 148 -6.40 -5.79 15.46
N ALA A 149 -6.86 -5.54 16.69
CA ALA A 149 -8.21 -5.10 16.99
C ALA A 149 -8.18 -3.56 16.99
N GLY A 150 -7.06 -2.90 17.35
CA GLY A 150 -6.95 -1.46 17.20
C GLY A 150 -7.92 -0.77 18.17
N SER A 151 -8.17 -1.29 19.39
CA SER A 151 -9.09 -0.59 20.29
C SER A 151 -8.67 0.85 20.61
N SER A 152 -7.40 1.26 20.42
CA SER A 152 -7.00 2.62 20.66
C SER A 152 -6.77 3.39 19.36
N CYS A 153 -7.08 2.80 18.20
CA CYS A 153 -6.83 3.42 16.90
C CYS A 153 -7.86 4.60 16.79
N SER A 154 -7.51 5.68 16.11
CA SER A 154 -8.52 6.70 15.72
C SER A 154 -9.01 6.27 14.33
N ASP A 155 -10.33 6.25 14.20
CA ASP A 155 -11.02 5.85 12.93
C ASP A 155 -11.56 7.05 12.15
N ASP A 156 -11.25 8.25 12.61
CA ASP A 156 -11.65 9.46 11.87
C ASP A 156 -10.88 9.57 10.53
N PRO A 157 -11.59 9.58 9.40
CA PRO A 157 -10.84 9.66 8.13
C PRO A 157 -9.94 10.89 8.06
N ALA A 158 -10.29 11.99 8.75
CA ALA A 158 -9.50 13.21 8.69
C ALA A 158 -8.17 13.10 9.39
N THR A 159 -7.91 12.03 10.13
CA THR A 159 -6.69 12.01 10.94
C THR A 159 -5.73 10.91 10.50
N VAL A 160 -5.99 10.37 9.33
CA VAL A 160 -5.04 9.38 8.82
C VAL A 160 -3.70 10.05 8.48
N ASP A 161 -2.63 9.23 8.45
CA ASP A 161 -1.31 9.83 8.33
C ASP A 161 -0.30 9.00 7.50
N HIS A 162 -0.68 7.83 7.01
CA HIS A 162 0.35 6.90 6.45
C HIS A 162 -0.32 6.03 5.40
N THR A 163 0.29 5.79 4.26
CA THR A 163 -0.25 4.84 3.25
C THR A 163 0.39 3.53 3.45
N VAL A 164 -0.47 2.49 3.38
CA VAL A 164 0.01 1.06 3.39
C VAL A 164 -0.71 0.32 2.29
N LEU A 165 -0.49 -0.98 2.17
CA LEU A 165 -0.99 -1.69 0.99
C LEU A 165 -1.78 -2.92 1.45
N ILE A 166 -3.05 -3.02 1.03
CA ILE A 166 -3.80 -4.25 1.31
C ILE A 166 -3.45 -5.25 0.25
N VAL A 167 -2.91 -6.43 0.68
CA VAL A 167 -2.50 -7.50 -0.24
C VAL A 167 -3.44 -8.71 -0.14
N GLY A 168 -4.50 -8.69 0.71
CA GLY A 168 -5.39 -9.80 0.75
C GLY A 168 -6.39 -9.66 1.89
N TYR A 169 -7.19 -10.71 2.07
CA TYR A 169 -8.20 -10.71 3.17
C TYR A 169 -8.62 -12.16 3.37
N GLY A 170 -9.31 -12.41 4.48
CA GLY A 170 -9.86 -13.75 4.70
C GLY A 170 -10.57 -13.71 6.02
N SER A 171 -10.80 -14.92 6.53
CA SER A 171 -11.48 -15.00 7.84
C SER A 171 -11.01 -16.20 8.63
N ASN A 172 -10.82 -16.03 9.93
CA ASN A 172 -10.47 -17.15 10.81
C ASN A 172 -11.69 -17.56 11.62
N GLY A 173 -12.87 -17.05 11.33
CA GLY A 173 -14.10 -17.46 12.06
C GLY A 173 -14.93 -16.20 12.31
N THR A 174 -16.08 -16.38 12.92
CA THR A 174 -16.91 -15.28 13.27
C THR A 174 -16.03 -14.41 14.27
N ASN A 175 -16.19 -13.14 14.11
CA ASN A 175 -15.39 -12.12 14.84
C ASN A 175 -13.93 -12.16 14.57
N ALA A 176 -13.53 -12.75 13.45
CA ALA A 176 -12.13 -12.83 13.10
C ALA A 176 -11.93 -12.69 11.58
N ASP A 177 -12.71 -11.78 10.97
CA ASP A 177 -12.42 -11.40 9.56
C ASP A 177 -11.23 -10.44 9.55
N TYR A 178 -10.40 -10.50 8.50
CA TYR A 178 -9.21 -9.61 8.50
C TYR A 178 -8.85 -9.16 7.12
N TRP A 179 -8.06 -8.09 7.11
CA TRP A 179 -7.27 -7.67 5.97
C TRP A 179 -5.80 -8.09 6.18
N ILE A 180 -5.09 -8.42 5.10
CA ILE A 180 -3.65 -8.61 5.12
C ILE A 180 -3.00 -7.33 4.58
N VAL A 181 -2.22 -6.68 5.41
CA VAL A 181 -1.68 -5.34 5.08
C VAL A 181 -0.16 -5.33 5.14
N LYS A 182 0.45 -4.91 4.02
CA LYS A 182 1.92 -4.76 3.94
C LYS A 182 2.31 -3.35 4.40
N ASN A 183 3.14 -3.22 5.40
CA ASN A 183 3.72 -1.90 5.81
C ASN A 183 5.13 -1.77 5.20
N SER A 184 5.77 -0.62 5.45
CA SER A 184 7.13 -0.31 4.95
C SER A 184 8.05 0.03 6.14
N TRP A 185 7.86 -0.65 7.25
CA TRP A 185 8.59 -0.42 8.49
C TRP A 185 9.54 -1.54 8.75
N GLY A 186 9.87 -2.31 7.66
CA GLY A 186 10.77 -3.44 7.77
C GLY A 186 10.13 -4.69 8.33
N THR A 187 10.89 -5.79 8.34
CA THR A 187 10.37 -7.04 8.77
C THR A 187 10.44 -7.20 10.31
N GLU A 188 11.00 -6.25 11.08
CA GLU A 188 10.99 -6.27 12.52
C GLU A 188 9.79 -5.50 13.06
N TRP A 189 8.76 -5.37 12.27
CA TRP A 189 7.51 -4.82 12.69
C TRP A 189 6.44 -5.86 12.30
N GLY A 190 5.42 -5.99 13.14
CA GLY A 190 4.31 -6.87 12.76
C GLY A 190 4.68 -8.28 12.63
N ILE A 191 4.05 -8.92 11.65
CA ILE A 191 4.29 -10.33 11.33
C ILE A 191 5.12 -10.31 10.06
N ASP A 192 6.45 -10.31 10.20
CA ASP A 192 7.41 -10.17 9.07
C ASP A 192 7.04 -8.97 8.21
N GLY A 193 6.63 -7.88 8.87
CA GLY A 193 6.37 -6.65 8.16
C GLY A 193 4.94 -6.42 7.76
N TYR A 194 4.05 -7.37 8.03
CA TYR A 194 2.65 -7.26 7.74
C TYR A 194 1.82 -7.13 9.00
N ILE A 195 0.60 -6.63 8.83
CA ILE A 195 -0.36 -6.65 9.95
C ILE A 195 -1.65 -7.25 9.45
N LEU A 196 -2.33 -8.03 10.32
CA LEU A 196 -3.62 -8.58 10.00
C LEU A 196 -4.63 -7.72 10.76
N ILE A 197 -5.30 -6.84 10.04
CA ILE A 197 -6.19 -5.82 10.63
C ILE A 197 -7.62 -6.36 10.63
N ARG A 198 -8.30 -6.29 11.79
CA ARG A 198 -9.66 -6.75 11.81
C ARG A 198 -10.54 -6.03 10.82
N ARG A 199 -11.40 -6.80 10.15
CA ARG A 199 -12.39 -6.32 9.15
C ARG A 199 -13.81 -6.67 9.67
N ASN A 200 -14.80 -6.00 9.13
CA ASN A 200 -16.20 -6.32 9.40
C ASN A 200 -16.51 -6.05 10.89
N THR A 201 -15.91 -4.96 11.44
CA THR A 201 -16.23 -4.49 12.81
C THR A 201 -17.42 -3.54 12.79
N ASN A 202 -17.73 -3.05 13.98
CA ASN A 202 -18.75 -2.00 14.11
C ASN A 202 -18.25 -0.58 13.93
N ARG A 203 -17.04 -0.43 13.44
CA ARG A 203 -16.46 0.93 13.13
C ARG A 203 -16.65 1.18 11.66
N PRO A 204 -17.56 2.09 11.27
CA PRO A 204 -17.87 2.22 9.84
C PRO A 204 -16.70 2.62 8.94
N ASP A 205 -15.80 3.45 9.45
CA ASP A 205 -14.66 3.83 8.58
C ASP A 205 -13.52 2.77 8.61
N GLY A 206 -13.72 1.70 9.40
CA GLY A 206 -12.73 0.66 9.57
C GLY A 206 -11.74 0.95 10.67
N VAL A 207 -11.08 -0.09 11.14
CA VAL A 207 -10.05 0.06 12.11
C VAL A 207 -8.96 0.97 11.55
N CYS A 208 -8.60 2.00 12.32
CA CYS A 208 -7.62 2.99 11.88
C CYS A 208 -8.01 3.72 10.60
N ALA A 209 -9.32 3.76 10.30
CA ALA A 209 -9.90 4.39 9.12
C ALA A 209 -9.53 3.69 7.80
N ILE A 210 -9.20 2.42 7.88
CA ILE A 210 -8.66 1.70 6.73
C ILE A 210 -9.61 1.69 5.54
N ASP A 211 -10.94 1.68 5.76
CA ASP A 211 -11.73 1.64 4.59
C ASP A 211 -12.12 3.01 3.98
N ALA A 212 -11.55 4.12 4.47
CA ALA A 212 -11.96 5.44 4.02
C ALA A 212 -11.31 5.91 2.74
N TRP A 213 -10.08 5.46 2.47
CA TRP A 213 -9.24 6.12 1.43
C TRP A 213 -8.56 5.11 0.54
N GLY A 214 -9.27 4.11 0.05
CA GLY A 214 -8.62 3.08 -0.82
C GLY A 214 -8.46 3.62 -2.25
N SER A 215 -7.37 3.27 -2.91
CA SER A 215 -7.27 3.54 -4.35
C SER A 215 -6.28 2.60 -4.96
N TYR A 216 -6.32 2.50 -6.28
CA TYR A 216 -5.41 1.59 -6.96
C TYR A 216 -5.15 2.03 -8.37
N PRO A 217 -3.98 1.69 -8.90
CA PRO A 217 -3.58 2.13 -10.21
C PRO A 217 -4.10 1.15 -11.28
N THR A 218 -4.40 1.70 -12.45
CA THR A 218 -4.91 0.84 -13.53
C THR A 218 -3.95 0.94 -14.75
N LYS A 219 -4.01 -0.04 -15.63
CA LYS A 219 -3.11 -0.12 -16.78
C LYS A 219 -3.85 -0.66 -17.97
N SER A 220 -3.60 -0.06 -19.10
CA SER A 220 -4.14 -0.58 -20.44
C SER A 220 -3.45 -1.89 -20.83
N THR A 221 -4.19 -2.86 -21.34
CA THR A 221 -3.66 -4.15 -21.70
C THR A 221 -4.24 -4.48 -23.07
N SER A 222 -3.80 -5.61 -23.65
CA SER A 222 -4.32 -6.07 -24.96
C SER A 222 -5.84 -6.28 -24.96
#